data_4IBC
#
_entry.id   4IBC
#
_cell.length_a   51.947
_cell.length_b   65.902
_cell.length_c   72.040
_cell.angle_alpha   90.00
_cell.angle_beta   90.00
_cell.angle_gamma   90.00
#
_symmetry.space_group_name_H-M   'P 21 21 21'
#
loop_
_entity.id
_entity.type
_entity.pdbx_description
1 polymer 'Polymerase cofactor VP35'
2 non-polymer '{4-[(2R)-3-(2-chlorobenzoyl)-2-(2-chlorophenyl)-4-hydroxy-5-oxo-2,5-dihydro-1H-pyrrol-1-yl]phenyl}acetic acid'
3 non-polymer 'DIMETHYL SULFOXIDE'
4 water water
#
_entity_poly.entity_id   1
_entity_poly.type   'polypeptide(L)'
_entity_poly.pdbx_seq_one_letter_code
;GHMGKPDISAKDLRNIMYDHLPGFGTAFHQLVQVICKLGKDSNSLDIIHAEFQASLAEGDSPQCALIQITKRVPIFQDAA
PPVIHIRSRGDIPRACQKSLRPVPPSPKIDRGWVCVFQLQDGKTLGLKI
;
_entity_poly.pdbx_strand_id   A,B
#
# COMPACT_ATOMS: atom_id res chain seq x y z
N ASP A 7 -2.52 -30.32 -1.45
CA ASP A 7 -1.59 -29.20 -1.48
C ASP A 7 -1.69 -28.38 -0.21
N ILE A 8 -0.53 -27.97 0.30
CA ILE A 8 -0.47 -27.15 1.51
C ILE A 8 -1.26 -25.86 1.30
N SER A 9 -2.06 -25.49 2.29
CA SER A 9 -2.86 -24.28 2.19
C SER A 9 -2.20 -23.21 3.04
N ALA A 10 -2.63 -21.96 2.85
CA ALA A 10 -2.06 -20.86 3.61
C ALA A 10 -2.31 -21.04 5.11
N LYS A 11 -3.51 -21.51 5.46
CA LYS A 11 -3.84 -21.75 6.86
C LYS A 11 -2.91 -22.80 7.47
N ASP A 12 -2.69 -23.90 6.75
CA ASP A 12 -1.81 -24.96 7.24
C ASP A 12 -0.36 -24.49 7.39
N LEU A 13 0.13 -23.72 6.42
CA LEU A 13 1.50 -23.22 6.51
C LEU A 13 1.63 -22.27 7.70
N ARG A 14 0.64 -21.40 7.89
CA ARG A 14 0.65 -20.50 9.05
C ARG A 14 0.81 -21.29 10.35
N ASN A 15 0.01 -22.33 10.49
CA ASN A 15 0.03 -23.16 11.69
C ASN A 15 1.35 -23.88 11.88
N ILE A 16 1.92 -24.40 10.80
CA ILE A 16 3.22 -25.04 10.84
C ILE A 16 4.29 -24.07 11.34
N MET A 17 4.30 -22.85 10.81
CA MET A 17 5.30 -21.86 11.19
C MET A 17 5.08 -21.36 12.61
N TYR A 18 3.82 -21.16 12.98
CA TYR A 18 3.49 -20.72 14.33
C TYR A 18 3.97 -21.72 15.37
N ASP A 19 3.90 -23.02 15.04
CA ASP A 19 4.30 -24.07 15.95
CA ASP A 19 4.31 -24.08 15.93
C ASP A 19 5.75 -23.92 16.40
N HIS A 20 6.56 -23.30 15.56
CA HIS A 20 7.98 -23.11 15.85
C HIS A 20 8.32 -21.80 16.56
N LEU A 21 7.34 -20.91 16.71
CA LEU A 21 7.62 -19.60 17.31
C LEU A 21 7.29 -19.52 18.79
N PRO A 22 8.17 -18.87 19.58
CA PRO A 22 7.85 -18.60 20.98
C PRO A 22 6.86 -17.45 21.12
N GLY A 23 6.07 -17.45 22.18
CA GLY A 23 5.15 -16.35 22.45
C GLY A 23 3.96 -16.37 21.52
N PHE A 24 3.25 -15.25 21.46
CA PHE A 24 2.14 -15.12 20.51
C PHE A 24 1.87 -13.65 20.18
N GLY A 25 1.41 -13.42 18.96
CA GLY A 25 1.20 -12.08 18.46
C GLY A 25 2.47 -11.27 18.40
N THR A 26 3.61 -11.93 18.19
CA THR A 26 4.89 -11.21 18.06
C THR A 26 5.07 -10.72 16.63
N ALA A 27 6.08 -9.87 16.41
CA ALA A 27 6.36 -9.41 15.04
C ALA A 27 6.68 -10.57 14.09
N PHE A 28 7.27 -11.65 14.60
CA PHE A 28 7.51 -12.82 13.77
C PHE A 28 6.22 -13.55 13.38
N HIS A 29 5.22 -13.53 14.25
CA HIS A 29 3.92 -14.09 13.92
C HIS A 29 3.26 -13.27 12.80
N GLN A 30 3.38 -11.95 12.86
CA GLN A 30 2.82 -11.12 11.78
C GLN A 30 3.59 -11.38 10.48
N LEU A 31 4.90 -11.59 10.57
CA LEU A 31 5.70 -11.93 9.38
C LEU A 31 5.23 -13.22 8.76
N VAL A 32 4.90 -14.22 9.58
CA VAL A 32 4.29 -15.45 9.07
C VAL A 32 3.02 -15.14 8.28
N GLN A 33 2.16 -14.28 8.84
CA GLN A 33 0.92 -13.94 8.16
C GLN A 33 1.15 -13.29 6.82
N VAL A 34 2.12 -12.37 6.77
CA VAL A 34 2.47 -11.67 5.53
C VAL A 34 3.07 -12.62 4.49
N ILE A 35 3.93 -13.52 4.94
CA ILE A 35 4.54 -14.51 4.06
C ILE A 35 3.45 -15.41 3.45
N CYS A 36 2.50 -15.83 4.27
CA CYS A 36 1.45 -16.73 3.78
C CYS A 36 0.51 -16.02 2.82
N LYS A 37 0.25 -14.75 3.10
CA LYS A 37 -0.67 -13.96 2.29
C LYS A 37 -0.08 -13.71 0.91
N LEU A 38 1.16 -13.21 0.88
CA LEU A 38 1.82 -12.95 -0.39
C LEU A 38 2.13 -14.25 -1.12
N GLY A 39 2.44 -15.29 -0.36
CA GLY A 39 2.68 -16.60 -0.91
C GLY A 39 1.44 -17.16 -1.59
N LYS A 40 0.29 -17.01 -0.95
CA LYS A 40 -0.95 -17.50 -1.55
C LYS A 40 -1.28 -16.74 -2.83
N ASP A 41 -1.17 -15.43 -2.79
CA ASP A 41 -1.46 -14.62 -3.98
C ASP A 41 -0.52 -14.86 -5.17
N SER A 42 0.65 -15.45 -4.92
CA SER A 42 1.62 -15.72 -5.98
CA SER A 42 1.60 -15.73 -6.00
C SER A 42 1.81 -17.22 -6.19
N ASN A 43 0.87 -18.00 -5.68
CA ASN A 43 0.89 -19.46 -5.82
C ASN A 43 2.23 -20.07 -5.45
N SER A 44 2.84 -19.56 -4.39
CA SER A 44 4.20 -19.95 -4.02
C SER A 44 4.30 -20.58 -2.64
N LEU A 45 3.19 -21.10 -2.13
CA LEU A 45 3.20 -21.66 -0.78
C LEU A 45 4.10 -22.88 -0.69
N ASP A 46 4.15 -23.67 -1.75
CA ASP A 46 5.02 -24.85 -1.74
C ASP A 46 6.51 -24.53 -1.57
N ILE A 47 7.05 -23.63 -2.39
CA ILE A 47 8.48 -23.28 -2.28
C ILE A 47 8.77 -22.57 -0.96
N ILE A 48 7.82 -21.79 -0.45
CA ILE A 48 8.02 -21.13 0.84
C ILE A 48 8.13 -22.18 1.95
N HIS A 49 7.25 -23.17 1.92
CA HIS A 49 7.27 -24.23 2.92
C HIS A 49 8.60 -25.01 2.84
N ALA A 50 9.04 -25.31 1.61
CA ALA A 50 10.25 -26.08 1.42
C ALA A 50 11.49 -25.32 1.90
N GLU A 51 11.51 -24.00 1.68
CA GLU A 51 12.63 -23.19 2.13
C GLU A 51 12.63 -23.11 3.64
N PHE A 52 11.45 -22.97 4.22
CA PHE A 52 11.32 -22.96 5.68
C PHE A 52 11.86 -24.24 6.28
N GLN A 53 11.45 -25.38 5.73
CA GLN A 53 11.85 -26.66 6.29
C GLN A 53 13.34 -26.88 6.10
N ALA A 54 13.85 -26.41 4.98
CA ALA A 54 15.25 -26.60 4.65
C ALA A 54 16.14 -25.81 5.59
N SER A 55 15.71 -24.58 5.91
CA SER A 55 16.46 -23.78 6.87
C SER A 55 16.49 -24.40 8.25
N LEU A 56 15.33 -24.91 8.69
CA LEU A 56 15.27 -25.58 9.99
C LEU A 56 16.18 -26.82 10.01
N ALA A 57 16.11 -27.61 8.95
CA ALA A 57 16.92 -28.82 8.84
C ALA A 57 18.43 -28.53 8.85
N GLU A 58 18.82 -27.31 8.48
CA GLU A 58 20.22 -26.91 8.56
C GLU A 58 20.65 -26.42 9.94
N GLY A 59 19.68 -26.23 10.84
CA GLY A 59 19.99 -25.78 12.19
C GLY A 59 19.67 -24.31 12.47
N ASP A 60 19.06 -23.62 11.51
CA ASP A 60 18.71 -22.21 11.73
C ASP A 60 17.57 -22.10 12.73
N SER A 61 17.54 -21.01 13.49
CA SER A 61 16.38 -20.71 14.32
C SER A 61 15.19 -20.47 13.39
N PRO A 62 13.96 -20.67 13.91
CA PRO A 62 12.76 -20.44 13.10
C PRO A 62 12.67 -18.97 12.68
N GLN A 63 13.13 -18.06 13.54
CA GLN A 63 13.14 -16.64 13.20
C GLN A 63 14.07 -16.38 12.02
N CYS A 64 15.28 -16.93 12.05
CA CYS A 64 16.22 -16.83 10.94
CA CYS A 64 16.20 -16.80 10.93
C CYS A 64 15.65 -17.44 9.67
N ALA A 65 15.00 -18.59 9.81
CA ALA A 65 14.39 -19.25 8.65
C ALA A 65 13.36 -18.36 7.97
N LEU A 66 12.55 -17.64 8.76
CA LEU A 66 11.56 -16.72 8.18
C LEU A 66 12.23 -15.54 7.47
N ILE A 67 13.25 -14.96 8.08
CA ILE A 67 13.99 -13.91 7.42
C ILE A 67 14.64 -14.42 6.13
N GLN A 68 15.18 -15.64 6.14
CA GLN A 68 15.85 -16.16 4.93
C GLN A 68 14.84 -16.34 3.79
N ILE A 69 13.60 -16.63 4.12
CA ILE A 69 12.56 -16.72 3.10
C ILE A 69 12.37 -15.37 2.40
N THR A 70 12.35 -14.27 3.17
CA THR A 70 12.20 -12.94 2.59
C THR A 70 13.39 -12.56 1.68
N LYS A 71 14.50 -13.27 1.83
CA LYS A 71 15.69 -13.01 1.00
C LYS A 71 15.93 -14.06 -0.10
N ARG A 72 15.38 -15.27 0.08
CA ARG A 72 15.62 -16.37 -0.86
C ARG A 72 14.48 -16.63 -1.85
N VAL A 73 13.25 -16.29 -1.47
CA VAL A 73 12.12 -16.53 -2.36
C VAL A 73 11.86 -15.26 -3.17
N PRO A 74 11.93 -15.36 -4.52
CA PRO A 74 11.94 -14.21 -5.42
C PRO A 74 10.77 -13.24 -5.26
N ILE A 75 9.60 -13.72 -4.88
CA ILE A 75 8.46 -12.81 -4.71
C ILE A 75 8.68 -11.75 -3.61
N PHE A 76 9.61 -12.00 -2.69
CA PHE A 76 9.88 -11.04 -1.61
C PHE A 76 11.07 -10.11 -1.90
N GLN A 77 11.86 -10.45 -2.91
CA GLN A 77 13.07 -9.67 -3.18
C GLN A 77 12.72 -8.28 -3.69
N ASP A 78 13.11 -7.26 -2.92
CA ASP A 78 12.83 -5.86 -3.25
C ASP A 78 11.33 -5.53 -3.26
N ALA A 79 10.54 -6.29 -2.51
CA ALA A 79 9.09 -6.06 -2.43
C ALA A 79 8.72 -5.14 -1.27
N ALA A 80 7.69 -4.32 -1.46
CA ALA A 80 7.24 -3.42 -0.41
C ALA A 80 6.34 -4.17 0.55
N PRO A 81 6.33 -3.77 1.83
CA PRO A 81 5.42 -4.38 2.80
C PRO A 81 3.98 -4.13 2.41
N PRO A 82 3.11 -5.13 2.65
CA PRO A 82 1.68 -4.93 2.41
C PRO A 82 1.11 -3.87 3.35
N VAL A 83 0.17 -3.11 2.82
CA VAL A 83 -0.54 -2.14 3.62
C VAL A 83 -1.75 -2.84 4.21
N ILE A 84 -1.89 -2.74 5.52
CA ILE A 84 -3.00 -3.37 6.23
C ILE A 84 -3.85 -2.32 6.94
N HIS A 85 -5.11 -2.21 6.52
CA HIS A 85 -6.01 -1.24 7.11
C HIS A 85 -6.64 -1.74 8.40
N ILE A 86 -6.51 -0.94 9.45
CA ILE A 86 -7.08 -1.26 10.76
C ILE A 86 -7.82 -0.06 11.35
N ARG A 87 -8.55 -0.29 12.44
CA ARG A 87 -9.29 0.78 13.10
C ARG A 87 -8.39 1.66 13.97
N SER A 88 -7.80 1.05 14.99
CA SER A 88 -6.95 1.78 15.93
C SER A 88 -5.66 1.02 16.20
N ARG A 89 -4.75 1.66 16.92
CA ARG A 89 -3.48 1.02 17.27
C ARG A 89 -3.74 -0.21 18.14
N GLY A 90 -4.90 -0.24 18.81
CA GLY A 90 -5.30 -1.37 19.62
C GLY A 90 -5.47 -2.68 18.89
N ASP A 91 -5.83 -2.63 17.61
CA ASP A 91 -6.04 -3.85 16.80
C ASP A 91 -4.72 -4.58 16.50
N ILE A 92 -3.60 -3.93 16.81
CA ILE A 92 -2.28 -4.53 16.64
C ILE A 92 -1.95 -5.30 17.91
N PRO A 93 -1.51 -6.56 17.77
CA PRO A 93 -1.25 -7.40 18.95
C PRO A 93 -0.27 -6.75 19.93
N ARG A 94 -0.49 -6.97 21.23
CA ARG A 94 0.35 -6.43 22.29
C ARG A 94 1.86 -6.64 22.07
N ALA A 95 2.25 -7.86 21.67
CA ALA A 95 3.66 -8.21 21.50
C ALA A 95 4.31 -7.51 20.29
N CYS A 96 3.49 -6.86 19.46
CA CYS A 96 4.00 -6.12 18.31
C CYS A 96 4.19 -4.63 18.58
N GLN A 97 3.59 -4.14 19.66
CA GLN A 97 3.47 -2.70 19.90
C GLN A 97 4.83 -2.01 19.93
N LYS A 98 5.81 -2.61 20.60
CA LYS A 98 7.12 -1.97 20.68
C LYS A 98 7.94 -2.09 19.39
N SER A 99 7.43 -2.84 18.42
CA SER A 99 8.13 -3.00 17.14
C SER A 99 7.60 -2.03 16.07
N LEU A 100 6.61 -1.23 16.44
CA LEU A 100 5.99 -0.27 15.50
C LEU A 100 6.83 1.00 15.42
N ARG A 101 7.02 1.51 14.21
CA ARG A 101 7.88 2.67 13.97
C ARG A 101 7.25 3.59 12.94
N PRO A 102 7.69 4.86 12.89
CA PRO A 102 7.28 5.67 11.75
C PRO A 102 7.68 5.00 10.42
N VAL A 103 6.87 5.14 9.38
CA VAL A 103 7.18 4.51 8.09
C VAL A 103 8.27 5.28 7.34
N PRO A 104 9.36 4.57 6.98
CA PRO A 104 10.50 5.08 6.21
C PRO A 104 10.09 5.37 4.75
N PRO A 105 10.92 6.11 3.99
N PRO A 105 10.93 6.09 3.99
CA PRO A 105 10.57 6.51 2.62
CA PRO A 105 10.57 6.50 2.62
C PRO A 105 10.23 5.32 1.69
C PRO A 105 10.24 5.33 1.69
N SER A 106 11.09 4.32 1.63
CA SER A 106 10.83 3.17 0.75
C SER A 106 11.09 1.85 1.49
N PRO A 107 10.14 1.45 2.35
CA PRO A 107 10.34 0.23 3.13
C PRO A 107 10.35 -1.02 2.24
N LYS A 108 11.14 -2.01 2.64
CA LYS A 108 11.19 -3.28 1.94
C LYS A 108 11.09 -4.44 2.92
N ILE A 109 10.34 -5.46 2.53
CA ILE A 109 10.18 -6.65 3.37
C ILE A 109 11.53 -7.29 3.67
N ASP A 110 12.39 -7.42 2.65
CA ASP A 110 13.71 -8.02 2.85
C ASP A 110 14.69 -7.12 3.63
N ARG A 111 14.24 -5.94 4.04
CA ARG A 111 15.01 -5.10 4.97
C ARG A 111 14.38 -5.07 6.36
N GLY A 112 13.38 -5.92 6.58
CA GLY A 112 12.82 -6.10 7.90
C GLY A 112 11.51 -5.38 8.15
N TRP A 113 10.98 -4.71 7.13
CA TRP A 113 9.67 -4.08 7.27
C TRP A 113 8.57 -5.07 6.90
N VAL A 114 7.89 -5.57 7.92
CA VAL A 114 6.95 -6.68 7.76
C VAL A 114 5.67 -6.24 7.08
N CYS A 115 5.14 -5.12 7.56
CA CYS A 115 3.92 -4.56 6.98
C CYS A 115 3.78 -3.11 7.42
N VAL A 116 2.87 -2.41 6.78
CA VAL A 116 2.52 -1.04 7.14
C VAL A 116 1.07 -1.07 7.58
N PHE A 117 0.82 -0.70 8.83
CA PHE A 117 -0.55 -0.59 9.32
C PHE A 117 -1.09 0.81 9.00
N GLN A 118 -2.28 0.86 8.40
CA GLN A 118 -2.90 2.14 8.08
C GLN A 118 -4.12 2.33 8.96
N LEU A 119 -4.07 3.32 9.84
CA LEU A 119 -5.17 3.58 10.76
C LEU A 119 -6.24 4.48 10.13
N GLN A 120 -7.41 4.50 10.76
CA GLN A 120 -8.60 5.20 10.26
C GLN A 120 -8.40 6.69 10.06
N ASP A 121 -7.64 7.30 10.97
CA ASP A 121 -7.46 8.75 10.96
C ASP A 121 -6.34 9.19 10.03
N GLY A 122 -5.74 8.23 9.33
CA GLY A 122 -4.66 8.56 8.41
C GLY A 122 -3.27 8.26 8.96
N LYS A 123 -3.19 7.97 10.25
CA LYS A 123 -1.91 7.55 10.85
C LYS A 123 -1.41 6.26 10.20
N THR A 124 -0.10 6.08 10.14
CA THR A 124 0.47 4.87 9.58
C THR A 124 1.69 4.46 10.38
N LEU A 125 1.86 3.17 10.58
CA LEU A 125 2.98 2.67 11.35
C LEU A 125 3.58 1.45 10.65
N GLY A 126 4.89 1.36 10.64
CA GLY A 126 5.57 0.23 10.04
C GLY A 126 5.95 -0.75 11.13
N LEU A 127 5.82 -2.05 10.85
CA LEU A 127 6.20 -3.05 11.84
C LEU A 127 7.57 -3.54 11.45
N LYS A 128 8.53 -3.39 12.37
CA LYS A 128 9.94 -3.61 12.05
C LYS A 128 10.52 -4.79 12.80
N ILE A 129 11.23 -5.64 12.07
CA ILE A 129 12.11 -6.65 12.66
C ILE A 129 13.56 -6.32 12.34
N ASP B 7 -10.39 27.11 7.50
CA ASP B 7 -9.45 26.57 6.51
C ASP B 7 -10.17 25.71 5.51
N ILE B 8 -9.64 25.65 4.29
CA ILE B 8 -10.23 24.80 3.25
C ILE B 8 -10.17 23.33 3.70
N SER B 9 -11.31 22.65 3.62
CA SER B 9 -11.38 21.25 3.98
C SER B 9 -11.17 20.35 2.76
N ALA B 10 -10.91 19.07 3.02
CA ALA B 10 -10.75 18.09 1.95
C ALA B 10 -12.02 18.00 1.11
N LYS B 11 -13.18 18.09 1.76
CA LYS B 11 -14.47 18.10 1.07
C LYS B 11 -14.60 19.30 0.14
N ASP B 12 -14.25 20.48 0.64
CA ASP B 12 -14.35 21.71 -0.15
C ASP B 12 -13.43 21.64 -1.35
N LEU B 13 -12.21 21.18 -1.13
CA LEU B 13 -11.23 21.08 -2.21
C LEU B 13 -11.66 20.09 -3.29
N ARG B 14 -12.17 18.94 -2.86
CA ARG B 14 -12.71 17.94 -3.80
C ARG B 14 -13.82 18.55 -4.65
N ASN B 15 -14.71 19.31 -4.03
CA ASN B 15 -15.81 19.95 -4.75
C ASN B 15 -15.30 20.99 -5.77
N ILE B 16 -14.33 21.79 -5.36
CA ILE B 16 -13.75 22.80 -6.24
C ILE B 16 -13.14 22.15 -7.49
N MET B 17 -12.40 21.07 -7.27
CA MET B 17 -11.75 20.36 -8.37
C MET B 17 -12.76 19.64 -9.26
N TYR B 18 -13.78 19.03 -8.64
CA TYR B 18 -14.79 18.32 -9.42
C TYR B 18 -15.53 19.28 -10.35
N ASP B 19 -15.76 20.51 -9.89
CA ASP B 19 -16.47 21.51 -10.69
CA ASP B 19 -16.48 21.49 -10.70
C ASP B 19 -15.76 21.83 -12.00
N HIS B 20 -14.46 21.55 -12.05
CA HIS B 20 -13.69 21.79 -13.28
C HIS B 20 -13.55 20.59 -14.20
N LEU B 21 -14.09 19.43 -13.81
CA LEU B 21 -13.92 18.22 -14.61
C LEU B 21 -15.17 17.86 -15.39
N PRO B 22 -15.00 17.39 -16.63
CA PRO B 22 -16.13 16.84 -17.38
C PRO B 22 -16.42 15.41 -16.95
N GLY B 23 -17.68 14.99 -17.08
CA GLY B 23 -18.07 13.61 -16.81
C GLY B 23 -18.18 13.27 -15.33
N PHE B 24 -18.21 11.98 -15.02
CA PHE B 24 -18.30 11.54 -13.64
C PHE B 24 -17.63 10.19 -13.44
N GLY B 25 -16.96 10.03 -12.30
CA GLY B 25 -16.29 8.79 -11.96
C GLY B 25 -15.14 8.46 -12.91
N THR B 26 -14.50 9.49 -13.46
CA THR B 26 -13.39 9.28 -14.39
C THR B 26 -12.11 9.09 -13.61
N ALA B 27 -11.02 8.74 -14.29
CA ALA B 27 -9.74 8.56 -13.59
C ALA B 27 -9.26 9.89 -13.00
N PHE B 28 -9.63 11.01 -13.61
CA PHE B 28 -9.30 12.31 -12.99
C PHE B 28 -10.11 12.59 -11.72
N HIS B 29 -11.35 12.11 -11.66
CA HIS B 29 -12.11 12.22 -10.42
C HIS B 29 -11.44 11.40 -9.30
N GLN B 30 -10.95 10.22 -9.62
CA GLN B 30 -10.25 9.40 -8.62
C GLN B 30 -8.98 10.10 -8.15
N LEU B 31 -8.25 10.70 -9.10
CA LEU B 31 -7.03 11.43 -8.77
C LEU B 31 -7.31 12.59 -7.83
N VAL B 32 -8.41 13.31 -8.05
CA VAL B 32 -8.82 14.36 -7.13
C VAL B 32 -9.00 13.78 -5.71
N GLN B 33 -9.64 12.62 -5.63
CA GLN B 33 -9.85 11.98 -4.35
C GLN B 33 -8.54 11.60 -3.67
N VAL B 34 -7.59 11.09 -4.45
CA VAL B 34 -6.29 10.68 -3.92
C VAL B 34 -5.49 11.91 -3.45
N ILE B 35 -5.53 12.97 -4.23
CA ILE B 35 -4.84 14.21 -3.91
C ILE B 35 -5.37 14.80 -2.60
N CYS B 36 -6.70 14.80 -2.44
CA CYS B 36 -7.32 15.37 -1.23
C CYS B 36 -7.06 14.51 0.00
N LYS B 37 -7.09 13.19 -0.16
CA LYS B 37 -6.81 12.27 0.93
C LYS B 37 -5.36 12.41 1.44
N LEU B 38 -4.40 12.40 0.51
CA LEU B 38 -3.00 12.52 0.89
C LEU B 38 -2.70 13.92 1.39
N GLY B 39 -3.35 14.91 0.78
CA GLY B 39 -3.18 16.29 1.19
C GLY B 39 -3.73 16.51 2.59
N LYS B 40 -4.86 15.89 2.91
CA LYS B 40 -5.41 16.02 4.26
C LYS B 40 -4.46 15.41 5.28
N ASP B 41 -3.95 14.22 4.96
CA ASP B 41 -3.12 13.50 5.92
C ASP B 41 -1.76 14.16 6.13
N SER B 42 -1.35 15.01 5.20
CA SER B 42 -0.08 15.73 5.31
CA SER B 42 -0.08 15.74 5.28
C SER B 42 -0.30 17.23 5.52
N ASN B 43 -1.50 17.60 5.93
CA ASN B 43 -1.81 18.99 6.25
C ASN B 43 -1.39 19.96 5.14
N SER B 44 -1.51 19.53 3.88
CA SER B 44 -1.07 20.33 2.74
C SER B 44 -2.18 20.76 1.79
N LEU B 45 -3.42 20.82 2.27
CA LEU B 45 -4.53 21.20 1.36
C LEU B 45 -4.41 22.63 0.84
N ASP B 46 -3.85 23.53 1.64
CA ASP B 46 -3.72 24.91 1.21
C ASP B 46 -2.78 25.07 0.00
N ILE B 47 -1.58 24.51 0.09
CA ILE B 47 -0.64 24.58 -1.03
C ILE B 47 -1.17 23.81 -2.26
N ILE B 48 -1.87 22.70 -2.05
CA ILE B 48 -2.47 21.98 -3.16
C ILE B 48 -3.49 22.86 -3.89
N HIS B 49 -4.31 23.56 -3.12
CA HIS B 49 -5.32 24.42 -3.70
C HIS B 49 -4.65 25.56 -4.49
N ALA B 50 -3.61 26.15 -3.88
CA ALA B 50 -2.87 27.23 -4.51
C ALA B 50 -2.22 26.82 -5.81
N GLU B 51 -1.63 25.63 -5.87
CA GLU B 51 -0.96 25.17 -7.10
C GLU B 51 -1.99 24.88 -8.18
N PHE B 52 -3.12 24.30 -7.78
CA PHE B 52 -4.21 24.06 -8.71
C PHE B 52 -4.69 25.36 -9.35
N GLN B 53 -4.97 26.37 -8.53
CA GLN B 53 -5.44 27.65 -9.05
C GLN B 53 -4.39 28.33 -9.91
N ALA B 54 -3.13 28.22 -9.53
CA ALA B 54 -2.06 28.89 -10.27
C ALA B 54 -1.89 28.28 -11.65
N SER B 55 -2.02 26.95 -11.72
CA SER B 55 -1.96 26.26 -13.00
CA SER B 55 -1.95 26.28 -13.02
C SER B 55 -3.11 26.70 -13.91
N LEU B 56 -4.31 26.78 -13.34
CA LEU B 56 -5.47 27.21 -14.13
C LEU B 56 -5.28 28.64 -14.65
N ALA B 57 -4.75 29.51 -13.78
CA ALA B 57 -4.52 30.91 -14.14
C ALA B 57 -3.47 31.08 -15.23
N GLU B 58 -2.58 30.08 -15.37
CA GLU B 58 -1.59 30.09 -16.44
C GLU B 58 -2.17 29.61 -17.77
N GLY B 59 -3.33 28.98 -17.73
CA GLY B 59 -3.97 28.52 -18.94
C GLY B 59 -3.96 27.01 -19.12
N ASP B 60 -3.48 26.27 -18.13
CA ASP B 60 -3.49 24.81 -18.25
C ASP B 60 -4.92 24.27 -18.15
N SER B 61 -5.17 23.13 -18.79
CA SER B 61 -6.44 22.45 -18.57
C SER B 61 -6.51 21.96 -17.13
N PRO B 62 -7.73 21.73 -16.64
CA PRO B 62 -7.87 21.25 -15.27
C PRO B 62 -7.21 19.90 -15.09
N GLN B 63 -7.19 19.08 -16.15
CA GLN B 63 -6.55 17.77 -16.06
C GLN B 63 -5.04 17.93 -15.90
N CYS B 64 -4.45 18.81 -16.72
CA CYS B 64 -3.02 19.14 -16.62
CA CYS B 64 -3.02 19.09 -16.60
C CYS B 64 -2.69 19.73 -15.25
N ALA B 65 -3.59 20.57 -14.74
CA ALA B 65 -3.39 21.18 -13.42
C ALA B 65 -3.27 20.11 -12.32
N LEU B 66 -4.12 19.09 -12.38
CA LEU B 66 -4.07 18.00 -11.40
C LEU B 66 -2.76 17.21 -11.52
N ILE B 67 -2.34 16.96 -12.76
CA ILE B 67 -1.07 16.26 -12.97
C ILE B 67 0.10 17.10 -12.46
N GLN B 68 0.03 18.41 -12.68
CA GLN B 68 1.07 19.34 -12.20
C GLN B 68 1.18 19.33 -10.67
N ILE B 69 0.05 19.17 -9.99
CA ILE B 69 0.09 19.02 -8.53
C ILE B 69 0.97 17.82 -8.13
N THR B 70 0.75 16.69 -8.79
CA THR B 70 1.54 15.48 -8.50
C THR B 70 3.04 15.66 -8.76
N LYS B 71 3.41 16.63 -9.59
CA LYS B 71 4.81 16.89 -9.87
C LYS B 71 5.37 18.11 -9.13
N ARG B 72 4.50 18.96 -8.59
CA ARG B 72 4.97 20.19 -7.95
C ARG B 72 4.82 20.28 -6.43
N VAL B 73 3.98 19.43 -5.85
CA VAL B 73 3.80 19.41 -4.41
C VAL B 73 4.63 18.26 -3.84
N PRO B 74 5.60 18.59 -2.98
CA PRO B 74 6.62 17.65 -2.47
C PRO B 74 6.08 16.34 -1.86
N ILE B 75 4.90 16.35 -1.26
CA ILE B 75 4.34 15.11 -0.73
C ILE B 75 4.04 14.04 -1.80
N PHE B 76 3.89 14.47 -3.06
CA PHE B 76 3.60 13.52 -4.15
C PHE B 76 4.84 13.10 -4.92
N GLN B 77 5.93 13.81 -4.72
CA GLN B 77 7.15 13.55 -5.49
C GLN B 77 7.76 12.21 -5.09
N ASP B 78 7.89 11.32 -6.08
CA ASP B 78 8.44 9.99 -5.88
C ASP B 78 7.67 9.16 -4.85
N ALA B 79 6.38 9.43 -4.70
CA ALA B 79 5.52 8.69 -3.76
C ALA B 79 4.74 7.56 -4.44
N ALA B 80 4.46 6.51 -3.67
CA ALA B 80 3.72 5.36 -4.18
C ALA B 80 2.23 5.66 -4.13
N PRO B 81 1.46 5.07 -5.06
CA PRO B 81 0.01 5.29 -5.01
C PRO B 81 -0.56 4.66 -3.76
N PRO B 82 -1.63 5.25 -3.22
CA PRO B 82 -2.31 4.61 -2.09
C PRO B 82 -2.94 3.28 -2.49
N VAL B 83 -2.88 2.32 -1.58
CA VAL B 83 -3.57 1.06 -1.81
C VAL B 83 -4.99 1.21 -1.30
N ILE B 84 -5.96 0.93 -2.16
CA ILE B 84 -7.37 1.02 -1.77
C ILE B 84 -8.02 -0.37 -1.78
N HIS B 85 -8.46 -0.82 -0.61
CA HIS B 85 -9.12 -2.11 -0.48
C HIS B 85 -10.57 -2.07 -0.92
N ILE B 86 -10.89 -2.85 -1.95
CA ILE B 86 -12.25 -2.96 -2.47
C ILE B 86 -12.65 -4.42 -2.58
N ARG B 87 -13.94 -4.68 -2.77
CA ARG B 87 -14.42 -6.05 -2.83
C ARG B 87 -14.22 -6.72 -4.19
N SER B 88 -14.68 -6.05 -5.25
CA SER B 88 -14.46 -6.56 -6.60
C SER B 88 -14.32 -5.42 -7.60
N ARG B 89 -14.03 -5.77 -8.84
CA ARG B 89 -13.89 -4.79 -9.90
C ARG B 89 -15.13 -3.92 -10.05
N GLY B 90 -16.30 -4.45 -9.65
CA GLY B 90 -17.54 -3.71 -9.65
C GLY B 90 -17.59 -2.49 -8.74
N ASP B 91 -16.73 -2.43 -7.72
CA ASP B 91 -16.65 -1.28 -6.83
C ASP B 91 -15.97 -0.06 -7.49
N ILE B 92 -15.34 -0.29 -8.65
CA ILE B 92 -14.63 0.77 -9.34
C ILE B 92 -15.55 1.44 -10.33
N PRO B 93 -15.57 2.79 -10.35
CA PRO B 93 -16.46 3.52 -11.25
C PRO B 93 -16.31 3.08 -12.71
N ARG B 94 -17.45 3.04 -13.41
CA ARG B 94 -17.51 2.65 -14.82
C ARG B 94 -16.50 3.37 -15.72
N ALA B 95 -16.40 4.69 -15.56
CA ALA B 95 -15.49 5.51 -16.36
C ALA B 95 -14.01 5.25 -16.07
N CYS B 96 -13.72 4.51 -15.02
CA CYS B 96 -12.34 4.17 -14.68
C CYS B 96 -11.92 2.81 -15.22
N GLN B 97 -12.88 2.00 -15.65
CA GLN B 97 -12.62 0.58 -15.93
C GLN B 97 -11.54 0.37 -16.99
N LYS B 98 -11.57 1.16 -18.05
CA LYS B 98 -10.60 1.00 -19.13
C LYS B 98 -9.22 1.58 -18.79
N SER B 99 -9.11 2.20 -17.62
CA SER B 99 -7.85 2.76 -17.16
C SER B 99 -7.13 1.84 -16.18
N LEU B 100 -7.75 0.71 -15.86
CA LEU B 100 -7.15 -0.27 -14.95
C LEU B 100 -6.10 -1.12 -15.67
N ARG B 101 -4.97 -1.34 -15.01
CA ARG B 101 -3.84 -2.06 -15.59
C ARG B 101 -3.22 -2.98 -14.56
N PRO B 102 -2.42 -3.96 -15.02
CA PRO B 102 -1.60 -4.72 -14.09
C PRO B 102 -0.66 -3.78 -13.33
N VAL B 103 -0.43 -4.06 -12.05
CA VAL B 103 0.43 -3.22 -11.26
C VAL B 103 1.89 -3.49 -11.61
N PRO B 104 2.63 -2.44 -12.00
CA PRO B 104 4.04 -2.56 -12.37
C PRO B 104 4.91 -2.63 -11.11
N PRO B 105 6.21 -2.89 -11.25
CA PRO B 105 7.07 -2.77 -10.07
C PRO B 105 7.31 -1.29 -9.78
N SER B 106 7.20 -0.92 -8.51
CA SER B 106 7.42 0.47 -8.07
C SER B 106 6.55 1.50 -8.78
N PRO B 107 5.21 1.36 -8.68
CA PRO B 107 4.41 2.41 -9.30
C PRO B 107 4.55 3.73 -8.52
N LYS B 108 4.45 4.85 -9.22
CA LYS B 108 4.59 6.17 -8.61
C LYS B 108 3.48 7.09 -9.06
N ILE B 109 2.90 7.84 -8.12
CA ILE B 109 1.84 8.79 -8.46
C ILE B 109 2.28 9.80 -9.51
N ASP B 110 3.50 10.32 -9.38
CA ASP B 110 3.99 11.32 -10.32
C ASP B 110 4.32 10.74 -11.70
N ARG B 111 4.10 9.44 -11.87
CA ARG B 111 4.23 8.81 -13.19
C ARG B 111 2.88 8.35 -13.74
N GLY B 112 1.79 8.76 -13.08
CA GLY B 112 0.46 8.50 -13.61
C GLY B 112 -0.30 7.37 -12.94
N TRP B 113 0.31 6.75 -11.93
CA TRP B 113 -0.39 5.70 -11.19
C TRP B 113 -1.16 6.32 -10.03
N VAL B 114 -2.47 6.47 -10.21
CA VAL B 114 -3.33 7.22 -9.28
C VAL B 114 -3.52 6.46 -7.98
N CYS B 115 -3.79 5.17 -8.10
CA CYS B 115 -3.94 4.34 -6.93
C CYS B 115 -3.85 2.89 -7.36
N VAL B 116 -3.79 2.03 -6.35
CA VAL B 116 -3.79 0.60 -6.54
C VAL B 116 -5.00 0.06 -5.81
N PHE B 117 -5.89 -0.60 -6.55
CA PHE B 117 -7.04 -1.24 -5.95
C PHE B 117 -6.70 -2.67 -5.57
N GLN B 118 -6.96 -3.02 -4.31
CA GLN B 118 -6.70 -4.36 -3.83
C GLN B 118 -8.05 -5.07 -3.69
N LEU B 119 -8.31 -6.05 -4.55
CA LEU B 119 -9.57 -6.77 -4.53
C LEU B 119 -9.56 -7.82 -3.43
N GLN B 120 -10.74 -8.25 -3.02
CA GLN B 120 -10.86 -9.12 -1.85
C GLN B 120 -10.25 -10.51 -2.08
N ASP B 121 -10.13 -10.92 -3.34
CA ASP B 121 -9.58 -12.24 -3.66
C ASP B 121 -8.07 -12.19 -3.89
N GLY B 122 -7.47 -11.03 -3.63
CA GLY B 122 -6.03 -10.91 -3.76
C GLY B 122 -5.58 -10.26 -5.06
N LYS B 123 -6.48 -10.17 -6.04
CA LYS B 123 -6.16 -9.46 -7.29
C LYS B 123 -5.83 -7.99 -7.00
N THR B 124 -4.95 -7.41 -7.80
CA THR B 124 -4.64 -5.99 -7.66
C THR B 124 -4.57 -5.32 -9.02
N LEU B 125 -5.08 -4.11 -9.11
CA LEU B 125 -5.06 -3.37 -10.36
C LEU B 125 -4.65 -1.93 -10.11
N GLY B 126 -3.83 -1.39 -11.00
CA GLY B 126 -3.41 -0.01 -10.88
C GLY B 126 -4.31 0.84 -11.76
N LEU B 127 -4.61 2.04 -11.30
CA LEU B 127 -5.40 2.97 -12.12
C LEU B 127 -4.42 3.92 -12.75
N LYS B 128 -4.39 3.94 -14.08
CA LYS B 128 -3.36 4.66 -14.81
C LYS B 128 -3.95 5.85 -15.55
N ILE B 129 -3.29 7.00 -15.43
CA ILE B 129 -3.56 8.14 -16.30
C ILE B 129 -2.32 8.39 -17.17
#